data_9DFU
#
_entry.id   9DFU
#
_cell.length_a   37.137
_cell.length_b   55.959
_cell.length_c   152.810
_cell.angle_alpha   90.00
_cell.angle_beta   90.00
_cell.angle_gamma   90.00
#
_symmetry.space_group_name_H-M   'P 21 21 21'
#
loop_
_entity.id
_entity.type
_entity.pdbx_description
1 polymer 'Radical SAM core domain-containing protein'
2 non-polymer "CYTIDINE-5'-TRIPHOSPHATE"
3 non-polymer 'IRON/SULFUR CLUSTER'
4 non-polymer S-ADENOSYLMETHIONINE
5 non-polymer 'CHLORIDE ION'
6 water water
#
_entity_poly.entity_id   1
_entity_poly.type   'polypeptide(L)'
_entity_poly.pdbx_seq_one_letter_code
;MHHHHHHSSGVDLGTENLYFQSMGQIPVSVNYHFTRKCNKSCGFCFHTAKTSHMEDISRAKRGLQLLQRAGMKKINFAGG
EPFLYPKFLGELVDFCKEDLHLESVSIITNGSLVREEWVRKHAKNIDILACSCDSFDENMNIEIGRGTGNQVEILYRIAK
WCRKNEIKFKLNTVVTRLNYEEDMNEHIDTLQPFRWKVFQVLIVEGENDSEKTLRDARRFTISDKQFEVFCSKHRHHKSF
VAEPNRLMASSYLLVDEYMRFIDKDGNKLTKSILDVGVEAAMKEIKWDVDAFQERGGVYEWTKENEQVEACSTGMSEKLV
W
;
_entity_poly.pdbx_strand_id   A
#
loop_
_chem_comp.id
_chem_comp.type
_chem_comp.name
_chem_comp.formula
CL non-polymer 'CHLORIDE ION' 'Cl -1'
CTP non-polymer CYTIDINE-5'-TRIPHOSPHATE 'C9 H16 N3 O14 P3'
SAM non-polymer S-ADENOSYLMETHIONINE 'C15 H22 N6 O5 S'
SF4 non-polymer 'IRON/SULFUR CLUSTER' 'Fe4 S4'
#
# COMPACT_ATOMS: atom_id res chain seq x y z
N GLN A 25 -20.53 9.14 2.85
CA GLN A 25 -19.14 8.75 2.69
C GLN A 25 -18.76 8.69 1.24
N ILE A 26 -18.07 9.68 0.76
CA ILE A 26 -17.61 9.62 -0.62
C ILE A 26 -16.28 8.86 -0.66
N PRO A 27 -16.28 7.66 -1.26
CA PRO A 27 -15.04 6.87 -1.33
C PRO A 27 -14.03 7.44 -2.30
N VAL A 28 -13.46 8.60 -1.97
CA VAL A 28 -12.61 9.31 -2.91
C VAL A 28 -11.28 8.62 -3.15
N SER A 29 -10.86 7.74 -2.24
CA SER A 29 -9.56 7.08 -2.34
C SER A 29 -9.71 5.65 -1.85
N VAL A 30 -9.44 4.68 -2.73
CA VAL A 30 -9.72 3.28 -2.46
C VAL A 30 -8.47 2.45 -2.72
N ASN A 31 -8.20 1.51 -1.82
CA ASN A 31 -7.15 0.51 -2.02
C ASN A 31 -7.81 -0.81 -2.42
N TYR A 32 -7.46 -1.32 -3.60
CA TYR A 32 -7.99 -2.59 -4.10
C TYR A 32 -6.90 -3.64 -3.95
N HIS A 33 -7.03 -4.47 -2.92
CA HIS A 33 -6.12 -5.61 -2.69
C HIS A 33 -6.63 -6.79 -3.51
N PHE A 34 -6.28 -6.79 -4.80
CA PHE A 34 -6.88 -7.75 -5.72
C PHE A 34 -6.37 -9.17 -5.52
N THR A 35 -5.19 -9.34 -4.93
CA THR A 35 -4.66 -10.66 -4.62
C THR A 35 -4.12 -10.68 -3.19
N ARG A 36 -4.05 -11.87 -2.62
CA ARG A 36 -3.43 -12.07 -1.32
C ARG A 36 -2.15 -12.91 -1.40
N LYS A 37 -1.77 -13.34 -2.58
CA LYS A 37 -0.53 -14.06 -2.73
C LYS A 37 0.67 -13.12 -2.75
N CYS A 38 1.80 -13.58 -2.27
CA CYS A 38 3.03 -12.80 -2.30
C CYS A 38 4.22 -13.71 -2.44
N ASN A 39 5.35 -13.15 -2.82
CA ASN A 39 6.59 -13.88 -2.96
C ASN A 39 7.56 -13.64 -1.80
N LYS A 40 7.15 -12.90 -0.78
CA LYS A 40 7.99 -12.61 0.39
C LYS A 40 7.23 -12.97 1.66
N SER A 41 7.88 -12.78 2.81
CA SER A 41 7.27 -13.18 4.09
C SER A 41 7.74 -12.24 5.18
N CYS A 42 7.30 -10.99 5.08
CA CYS A 42 7.56 -10.03 6.15
C CYS A 42 6.81 -10.43 7.40
N GLY A 43 7.50 -10.44 8.53
CA GLY A 43 6.92 -10.98 9.74
C GLY A 43 5.75 -10.22 10.29
N PHE A 44 5.58 -8.96 9.88
CA PHE A 44 4.55 -8.10 10.44
C PHE A 44 3.34 -7.93 9.53
N CYS A 45 3.31 -8.61 8.39
CA CYS A 45 2.26 -8.40 7.38
C CYS A 45 0.87 -8.44 7.97
N PHE A 46 0.10 -7.38 7.72
CA PHE A 46 -1.30 -7.28 8.14
C PHE A 46 -2.27 -7.52 6.98
N HIS A 47 -1.82 -8.19 5.92
CA HIS A 47 -2.67 -8.60 4.80
C HIS A 47 -2.11 -9.92 4.27
N THR A 48 -2.42 -10.99 4.99
CA THR A 48 -1.77 -12.28 4.78
C THR A 48 -2.42 -13.09 3.65
N ALA A 49 -1.73 -14.14 3.21
CA ALA A 49 -2.16 -14.97 2.10
C ALA A 49 -3.25 -15.96 2.52
N LYS A 50 -4.41 -15.41 2.89
CA LYS A 50 -5.50 -16.26 3.35
C LYS A 50 -6.15 -17.02 2.19
N THR A 51 -6.24 -16.40 1.02
CA THR A 51 -6.85 -17.02 -0.15
C THR A 51 -5.96 -16.81 -1.37
N SER A 52 -6.12 -17.68 -2.34
CA SER A 52 -5.45 -17.53 -3.59
C SER A 52 -6.51 -16.98 -4.55
N HIS A 53 -7.71 -16.74 -4.05
CA HIS A 53 -8.79 -16.27 -4.90
C HIS A 53 -8.46 -14.92 -5.52
N MET A 54 -8.96 -14.73 -6.71
CA MET A 54 -8.74 -13.51 -7.42
C MET A 54 -9.95 -13.29 -8.25
N GLU A 55 -10.35 -12.05 -8.37
CA GLU A 55 -11.55 -11.72 -9.12
C GLU A 55 -11.28 -11.80 -10.62
N ASP A 56 -12.34 -11.94 -11.40
CA ASP A 56 -12.20 -11.96 -12.85
C ASP A 56 -12.04 -10.57 -13.36
N ILE A 57 -11.41 -10.45 -14.52
CA ILE A 57 -11.11 -9.14 -15.06
C ILE A 57 -12.39 -8.39 -15.43
N SER A 58 -13.45 -9.10 -15.82
CA SER A 58 -14.72 -8.43 -16.08
C SER A 58 -15.35 -7.94 -14.78
N ARG A 59 -15.24 -8.73 -13.71
CA ARG A 59 -15.82 -8.33 -12.44
C ARG A 59 -15.01 -7.21 -11.79
N ALA A 60 -13.68 -7.29 -11.88
CA ALA A 60 -12.83 -6.24 -11.31
C ALA A 60 -13.06 -4.92 -12.02
N LYS A 61 -13.08 -4.93 -13.33
CA LYS A 61 -13.37 -3.73 -14.05
C LYS A 61 -14.74 -3.18 -13.69
N ARG A 62 -15.73 -4.06 -13.50
CA ARG A 62 -17.05 -3.61 -13.09
C ARG A 62 -17.03 -3.04 -11.69
N GLY A 63 -16.23 -3.63 -10.79
CA GLY A 63 -16.10 -3.07 -9.45
C GLY A 63 -15.41 -1.72 -9.45
N LEU A 64 -14.35 -1.58 -10.26
CA LEU A 64 -13.68 -0.28 -10.39
C LEU A 64 -14.60 0.75 -11.04
N GLN A 65 -15.47 0.31 -11.95
CA GLN A 65 -16.47 1.22 -12.49
C GLN A 65 -17.49 1.63 -11.45
N LEU A 66 -17.92 0.67 -10.61
CA LEU A 66 -18.86 1.00 -9.55
C LEU A 66 -18.28 2.03 -8.60
N LEU A 67 -17.00 1.88 -8.23
CA LEU A 67 -16.37 2.82 -7.33
C LEU A 67 -16.13 4.17 -8.00
N GLN A 68 -15.87 4.18 -9.31
CA GLN A 68 -15.76 5.43 -10.04
C GLN A 68 -17.08 6.21 -9.98
N ARG A 69 -18.20 5.51 -10.20
CA ARG A 69 -19.50 6.17 -10.21
C ARG A 69 -19.89 6.67 -8.82
N ALA A 70 -19.29 6.15 -7.77
CA ALA A 70 -19.55 6.61 -6.41
C ALA A 70 -18.63 7.74 -5.98
N GLY A 71 -17.66 8.13 -6.81
CA GLY A 71 -16.86 9.30 -6.51
C GLY A 71 -15.38 9.06 -6.32
N MET A 72 -14.90 7.85 -6.57
CA MET A 72 -13.50 7.56 -6.35
C MET A 72 -12.64 8.26 -7.40
N LYS A 73 -11.70 9.07 -6.93
CA LYS A 73 -10.77 9.77 -7.82
C LYS A 73 -9.41 9.11 -7.88
N LYS A 74 -9.00 8.42 -6.83
CA LYS A 74 -7.70 7.75 -6.76
C LYS A 74 -7.91 6.27 -6.46
N ILE A 75 -7.36 5.41 -7.32
CA ILE A 75 -7.29 3.98 -7.08
C ILE A 75 -5.84 3.64 -6.73
N ASN A 76 -5.66 2.74 -5.77
CA ASN A 76 -4.35 2.23 -5.40
C ASN A 76 -4.41 0.71 -5.45
N PHE A 77 -3.45 0.11 -6.14
CA PHE A 77 -3.39 -1.33 -6.30
C PHE A 77 -2.45 -1.92 -5.26
N ALA A 78 -2.91 -2.94 -4.55
CA ALA A 78 -2.20 -3.47 -3.40
C ALA A 78 -2.62 -4.92 -3.16
N GLY A 79 -2.43 -5.39 -1.93
CA GLY A 79 -2.83 -6.73 -1.55
C GLY A 79 -1.68 -7.54 -1.01
N GLY A 80 -1.44 -8.70 -1.62
CA GLY A 80 -0.15 -9.35 -1.51
C GLY A 80 0.82 -8.61 -2.40
N GLU A 81 1.36 -9.27 -3.43
CA GLU A 81 2.24 -8.60 -4.36
C GLU A 81 1.50 -8.36 -5.67
N PRO A 82 1.16 -7.12 -6.01
CA PRO A 82 0.42 -6.90 -7.27
C PRO A 82 1.16 -7.36 -8.51
N PHE A 83 2.48 -7.25 -8.51
CA PHE A 83 3.26 -7.63 -9.68
C PHE A 83 3.49 -9.13 -9.80
N LEU A 84 2.80 -9.94 -8.99
CA LEU A 84 2.67 -11.35 -9.31
C LEU A 84 1.82 -11.56 -10.55
N TYR A 85 0.96 -10.61 -10.87
CA TYR A 85 0.07 -10.68 -12.04
C TYR A 85 0.17 -9.38 -12.81
N PRO A 86 1.32 -9.12 -13.44
CA PRO A 86 1.50 -7.84 -14.14
C PRO A 86 0.59 -7.69 -15.36
N LYS A 87 0.15 -8.79 -15.95
CA LYS A 87 -0.82 -8.71 -17.04
C LYS A 87 -2.17 -8.24 -16.54
N PHE A 88 -2.64 -8.82 -15.42
CA PHE A 88 -3.89 -8.37 -14.81
C PHE A 88 -3.76 -6.95 -14.29
N LEU A 89 -2.64 -6.63 -13.64
CA LEU A 89 -2.42 -5.30 -13.11
C LEU A 89 -2.42 -4.26 -14.22
N GLY A 90 -1.57 -4.46 -15.24
CA GLY A 90 -1.45 -3.49 -16.31
C GLY A 90 -2.76 -3.28 -17.05
N GLU A 91 -3.56 -4.34 -17.19
CA GLU A 91 -4.88 -4.19 -17.81
C GLU A 91 -5.75 -3.24 -17.00
N LEU A 92 -5.68 -3.31 -15.67
CA LEU A 92 -6.53 -2.49 -14.84
C LEU A 92 -6.04 -1.05 -14.74
N VAL A 93 -4.72 -0.81 -14.87
CA VAL A 93 -4.23 0.57 -14.80
C VAL A 93 -4.54 1.31 -16.10
N ASP A 94 -4.48 0.62 -17.24
CA ASP A 94 -4.91 1.26 -18.48
C ASP A 94 -6.41 1.49 -18.47
N PHE A 95 -7.17 0.58 -17.87
CA PHE A 95 -8.61 0.75 -17.75
C PHE A 95 -8.96 1.95 -16.88
N CYS A 96 -8.38 2.01 -15.69
CA CYS A 96 -8.72 3.08 -14.75
C CYS A 96 -8.38 4.46 -15.30
N LYS A 97 -7.34 4.57 -16.12
CA LYS A 97 -6.91 5.87 -16.61
C LYS A 97 -7.56 6.23 -17.94
N GLU A 98 -7.55 5.30 -18.90
CA GLU A 98 -8.10 5.61 -20.22
C GLU A 98 -9.63 5.60 -20.23
N ASP A 99 -10.24 4.63 -19.55
CA ASP A 99 -11.68 4.42 -19.62
C ASP A 99 -12.43 5.12 -18.49
N LEU A 100 -12.01 4.91 -17.24
CA LEU A 100 -12.67 5.59 -16.13
C LEU A 100 -12.12 6.99 -15.89
N HIS A 101 -11.03 7.36 -16.55
CA HIS A 101 -10.45 8.71 -16.45
C HIS A 101 -10.22 9.09 -14.99
N LEU A 102 -9.81 8.12 -14.18
CA LEU A 102 -9.51 8.38 -12.79
C LEU A 102 -8.43 9.45 -12.66
N GLU A 103 -8.54 10.25 -11.60
CA GLU A 103 -7.51 11.25 -11.34
C GLU A 103 -6.16 10.58 -11.10
N SER A 104 -6.10 9.67 -10.12
CA SER A 104 -4.83 9.09 -9.69
C SER A 104 -4.88 7.57 -9.79
N VAL A 105 -3.92 6.99 -10.48
CA VAL A 105 -3.68 5.54 -10.47
C VAL A 105 -2.33 5.30 -9.81
N SER A 106 -2.34 4.54 -8.72
CA SER A 106 -1.14 4.32 -7.93
C SER A 106 -0.95 2.84 -7.63
N ILE A 107 0.30 2.44 -7.42
CA ILE A 107 0.65 1.06 -7.12
C ILE A 107 1.64 1.04 -5.96
N ILE A 108 1.44 0.11 -5.03
CA ILE A 108 2.40 -0.19 -3.97
C ILE A 108 2.86 -1.63 -4.16
N THR A 109 4.18 -1.83 -4.18
CA THR A 109 4.78 -3.11 -4.51
C THR A 109 6.03 -3.31 -3.66
N ASN A 110 6.45 -4.57 -3.52
CA ASN A 110 7.75 -4.82 -2.90
C ASN A 110 8.90 -4.69 -3.89
N GLY A 111 8.60 -4.51 -5.18
CA GLY A 111 9.58 -4.13 -6.17
C GLY A 111 10.32 -5.26 -6.84
N SER A 112 10.33 -6.46 -6.25
CA SER A 112 11.22 -7.52 -6.74
C SER A 112 10.79 -8.05 -8.09
N LEU A 113 9.49 -8.06 -8.39
CA LEU A 113 8.98 -8.67 -9.62
C LEU A 113 8.64 -7.64 -10.70
N VAL A 114 9.06 -6.40 -10.52
CA VAL A 114 8.79 -5.36 -11.51
C VAL A 114 9.76 -5.50 -12.67
N ARG A 115 9.26 -5.48 -13.90
CA ARG A 115 10.11 -5.50 -15.08
C ARG A 115 10.09 -4.14 -15.76
N GLU A 116 11.23 -3.71 -16.27
CA GLU A 116 11.39 -2.37 -16.81
CA GLU A 116 11.38 -2.36 -16.81
C GLU A 116 10.44 -2.11 -17.99
N GLU A 117 10.19 -3.11 -18.82
CA GLU A 117 9.31 -2.95 -19.97
C GLU A 117 7.87 -2.72 -19.56
N TRP A 118 7.44 -3.32 -18.45
CA TRP A 118 6.10 -3.05 -17.96
C TRP A 118 5.95 -1.60 -17.52
N VAL A 119 6.96 -1.06 -16.84
CA VAL A 119 6.94 0.34 -16.46
C VAL A 119 6.91 1.23 -17.68
N ARG A 120 7.72 0.92 -18.69
CA ARG A 120 7.76 1.73 -19.91
C ARG A 120 6.43 1.69 -20.64
N LYS A 121 5.77 0.55 -20.66
CA LYS A 121 4.54 0.43 -21.42
C LYS A 121 3.36 1.08 -20.76
N HIS A 122 3.37 1.11 -19.44
CA HIS A 122 2.23 1.61 -18.69
C HIS A 122 2.51 2.93 -17.98
N ALA A 123 3.59 3.63 -18.34
CA ALA A 123 3.95 4.84 -17.60
C ALA A 123 2.91 5.93 -17.76
N LYS A 124 2.27 5.99 -18.92
CA LYS A 124 1.32 7.04 -19.21
C LYS A 124 0.08 6.99 -18.40
N ASN A 125 -0.23 5.84 -17.88
CA ASN A 125 -1.46 5.64 -17.12
C ASN A 125 -1.22 5.54 -15.62
N ILE A 126 0.03 5.58 -15.18
CA ILE A 126 0.38 5.45 -13.78
C ILE A 126 0.78 6.82 -13.26
N ASP A 127 0.10 7.28 -12.21
CA ASP A 127 0.50 8.55 -11.60
C ASP A 127 1.61 8.34 -10.57
N ILE A 128 1.53 7.28 -9.77
CA ILE A 128 2.45 7.05 -8.67
C ILE A 128 2.80 5.56 -8.63
N LEU A 129 4.07 5.25 -8.40
CA LEU A 129 4.51 3.88 -8.13
C LEU A 129 5.23 3.90 -6.79
N ALA A 130 4.73 3.12 -5.83
CA ALA A 130 5.28 3.09 -4.48
C ALA A 130 6.01 1.77 -4.26
N CYS A 131 7.24 1.84 -3.76
CA CYS A 131 8.03 0.66 -3.44
C CYS A 131 8.33 0.65 -1.95
N SER A 132 8.23 -0.54 -1.34
CA SER A 132 8.43 -0.69 0.09
C SER A 132 9.88 -0.96 0.42
N CYS A 133 10.36 -0.30 1.48
CA CYS A 133 11.69 -0.56 2.01
C CYS A 133 11.68 -0.13 3.47
N ASP A 134 11.87 -1.08 4.38
CA ASP A 134 11.76 -0.82 5.81
C ASP A 134 13.09 -0.50 6.46
N SER A 135 14.20 -0.83 5.82
CA SER A 135 15.52 -0.49 6.32
C SER A 135 16.48 -0.42 5.13
N PHE A 136 17.49 0.42 5.27
CA PHE A 136 18.62 0.43 4.35
C PHE A 136 19.80 -0.36 4.90
N ASP A 137 19.57 -1.12 5.97
CA ASP A 137 20.51 -2.09 6.50
C ASP A 137 19.97 -3.46 6.08
N GLU A 138 20.62 -4.08 5.09
CA GLU A 138 20.08 -5.28 4.48
C GLU A 138 19.96 -6.45 5.44
N ASN A 139 20.74 -6.45 6.53
CA ASN A 139 20.58 -7.48 7.53
C ASN A 139 19.20 -7.40 8.19
N MET A 140 18.71 -6.18 8.42
CA MET A 140 17.39 -6.02 9.02
C MET A 140 16.28 -6.37 8.04
N ASN A 141 16.52 -6.21 6.74
CA ASN A 141 15.55 -6.67 5.75
C ASN A 141 15.48 -8.20 5.72
N ILE A 142 16.56 -8.89 6.07
CA ILE A 142 16.52 -10.34 6.20
C ILE A 142 15.80 -10.74 7.48
N GLU A 143 16.15 -10.09 8.59
CA GLU A 143 15.47 -10.34 9.86
C GLU A 143 13.97 -10.12 9.73
N ILE A 144 13.57 -9.07 9.01
CA ILE A 144 12.14 -8.79 8.81
C ILE A 144 11.50 -9.88 7.98
N GLY A 145 12.18 -10.29 6.90
CA GLY A 145 11.67 -11.33 6.04
C GLY A 145 11.21 -10.86 4.69
N ARG A 146 11.54 -9.64 4.29
CA ARG A 146 11.17 -9.11 2.99
C ARG A 146 12.05 -9.61 1.85
N GLY A 147 12.94 -10.56 2.13
CA GLY A 147 13.79 -11.11 1.12
C GLY A 147 15.10 -11.58 1.72
N THR A 148 16.10 -11.74 0.84
CA THR A 148 17.40 -12.29 1.22
C THR A 148 18.48 -11.21 1.27
N GLY A 149 18.10 -9.93 1.30
CA GLY A 149 19.06 -8.87 1.52
C GLY A 149 19.40 -8.04 0.30
N ASN A 150 18.42 -7.70 -0.48
CA ASN A 150 18.66 -6.94 -1.69
C ASN A 150 17.61 -5.87 -1.89
N GLN A 151 16.82 -5.62 -0.85
CA GLN A 151 15.70 -4.69 -0.98
C GLN A 151 16.17 -3.28 -1.36
N VAL A 152 17.32 -2.85 -0.84
CA VAL A 152 17.83 -1.53 -1.18
C VAL A 152 18.22 -1.48 -2.65
N GLU A 153 18.83 -2.56 -3.17
CA GLU A 153 19.10 -2.65 -4.59
C GLU A 153 17.82 -2.60 -5.40
N ILE A 154 16.82 -3.39 -4.99
CA ILE A 154 15.51 -3.34 -5.62
C ILE A 154 14.94 -1.93 -5.55
N LEU A 155 15.05 -1.30 -4.38
CA LEU A 155 14.46 0.01 -4.15
C LEU A 155 14.99 1.04 -5.13
N TYR A 156 16.32 1.22 -5.17
CA TYR A 156 16.92 2.22 -6.03
C TYR A 156 16.63 1.96 -7.51
N ARG A 157 16.57 0.68 -7.90
CA ARG A 157 16.29 0.37 -9.30
C ARG A 157 14.87 0.75 -9.69
N ILE A 158 13.90 0.54 -8.77
CA ILE A 158 12.53 0.97 -9.03
C ILE A 158 12.47 2.47 -9.22
N ALA A 159 13.16 3.21 -8.34
CA ALA A 159 13.14 4.67 -8.44
C ALA A 159 13.85 5.15 -9.70
N LYS A 160 14.91 4.46 -10.11
CA LYS A 160 15.57 4.81 -11.37
C LYS A 160 14.61 4.66 -12.53
N TRP A 161 13.83 3.59 -12.55
CA TRP A 161 12.86 3.38 -13.62
C TRP A 161 11.75 4.42 -13.57
N CYS A 162 11.33 4.83 -12.38
CA CYS A 162 10.24 5.80 -12.26
C CYS A 162 10.62 7.14 -12.85
N ARG A 163 11.84 7.62 -12.53
CA ARG A 163 12.28 8.90 -13.05
C ARG A 163 12.58 8.85 -14.54
N LYS A 164 12.86 7.67 -15.10
CA LYS A 164 13.07 7.55 -16.53
C LYS A 164 11.78 7.83 -17.30
N ASN A 165 10.71 7.12 -16.95
CA ASN A 165 9.43 7.24 -17.62
C ASN A 165 8.45 8.12 -16.86
N GLU A 166 8.96 8.99 -15.99
CA GLU A 166 8.22 10.15 -15.47
C GLU A 166 7.00 9.75 -14.65
N ILE A 167 7.18 8.75 -13.78
CA ILE A 167 6.18 8.37 -12.80
C ILE A 167 6.60 8.94 -11.45
N LYS A 168 5.66 9.48 -10.71
CA LYS A 168 5.97 9.92 -9.37
C LYS A 168 6.44 8.76 -8.52
N PHE A 169 7.57 8.92 -7.87
CA PHE A 169 8.16 7.87 -7.06
C PHE A 169 7.79 8.07 -5.59
N LYS A 170 7.34 7.00 -4.95
CA LYS A 170 6.88 7.03 -3.58
C LYS A 170 7.51 5.87 -2.82
N LEU A 171 7.81 6.09 -1.54
CA LEU A 171 8.48 5.10 -0.71
C LEU A 171 7.66 4.84 0.54
N ASN A 172 7.48 3.56 0.87
CA ASN A 172 6.76 3.15 2.07
C ASN A 172 7.73 2.48 3.03
N THR A 173 7.61 2.82 4.32
CA THR A 173 8.52 2.30 5.33
C THR A 173 7.74 1.88 6.55
N VAL A 174 8.04 0.69 7.07
CA VAL A 174 7.41 0.16 8.27
C VAL A 174 8.42 0.26 9.41
N VAL A 175 8.05 0.97 10.46
CA VAL A 175 8.94 1.16 11.61
C VAL A 175 8.62 0.09 12.65
N THR A 176 9.60 -0.77 12.91
CA THR A 176 9.44 -1.89 13.84
C THR A 176 10.44 -1.74 14.99
N ARG A 177 10.40 -2.72 15.89
CA ARG A 177 11.35 -2.74 17.01
C ARG A 177 12.79 -2.89 16.56
N LEU A 178 13.03 -3.26 15.31
CA LEU A 178 14.37 -3.50 14.79
C LEU A 178 14.98 -2.33 14.03
N ASN A 179 14.19 -1.29 13.73
CA ASN A 179 14.69 -0.20 12.89
C ASN A 179 14.21 1.18 13.33
N TYR A 180 13.68 1.33 14.54
CA TYR A 180 13.24 2.65 14.98
C TYR A 180 14.42 3.54 15.37
N GLU A 181 15.57 2.96 15.71
CA GLU A 181 16.77 3.74 15.97
C GLU A 181 17.55 4.07 14.71
N GLU A 182 17.10 3.60 13.55
CA GLU A 182 17.87 3.72 12.32
C GLU A 182 17.81 5.14 11.77
N ASP A 183 18.96 5.66 11.36
CA ASP A 183 19.05 6.96 10.71
C ASP A 183 19.04 6.72 9.21
N MET A 184 17.98 7.19 8.55
CA MET A 184 17.75 6.95 7.13
C MET A 184 18.01 8.18 6.27
N ASN A 185 18.50 9.26 6.85
CA ASN A 185 18.46 10.55 6.16
C ASN A 185 19.43 10.62 5.00
N GLU A 186 20.51 9.83 5.02
CA GLU A 186 21.42 9.82 3.87
C GLU A 186 20.73 9.27 2.63
N HIS A 187 19.94 8.20 2.79
CA HIS A 187 19.27 7.59 1.65
C HIS A 187 18.06 8.41 1.20
N ILE A 188 17.31 8.97 2.15
CA ILE A 188 16.16 9.79 1.79
C ILE A 188 16.62 11.05 1.07
N ASP A 189 17.77 11.59 1.47
CA ASP A 189 18.34 12.75 0.78
C ASP A 189 18.87 12.41 -0.60
N THR A 190 18.98 11.12 -0.93
CA THR A 190 19.45 10.67 -2.24
C THR A 190 18.29 10.28 -3.16
N LEU A 191 17.42 9.39 -2.70
CA LEU A 191 16.25 9.01 -3.49
C LEU A 191 15.32 10.19 -3.70
N GLN A 192 15.07 10.95 -2.65
CA GLN A 192 14.13 12.08 -2.68
C GLN A 192 12.76 11.69 -3.23
N PRO A 193 12.07 10.73 -2.61
CA PRO A 193 10.71 10.43 -3.05
C PRO A 193 9.81 11.63 -2.78
N PHE A 194 8.83 11.83 -3.66
CA PHE A 194 7.89 12.91 -3.43
C PHE A 194 6.95 12.62 -2.27
N ARG A 195 6.79 11.34 -1.91
CA ARG A 195 5.93 10.91 -0.82
C ARG A 195 6.61 9.78 -0.08
N TRP A 196 6.65 9.87 1.25
CA TRP A 196 7.34 8.91 2.08
C TRP A 196 6.43 8.54 3.25
N LYS A 197 5.72 7.42 3.11
CA LYS A 197 4.85 6.92 4.17
C LYS A 197 5.67 6.20 5.22
N VAL A 198 5.47 6.57 6.47
CA VAL A 198 6.22 6.03 7.60
C VAL A 198 5.19 5.40 8.55
N PHE A 199 4.99 4.09 8.42
CA PHE A 199 4.00 3.39 9.22
C PHE A 199 4.63 2.87 10.50
N GLN A 200 3.97 3.15 11.63
CA GLN A 200 4.19 2.32 12.81
C GLN A 200 3.56 0.95 12.58
N VAL A 201 4.26 -0.10 13.02
CA VAL A 201 3.72 -1.45 12.90
C VAL A 201 2.32 -1.50 13.49
N LEU A 202 1.38 -2.03 12.71
CA LEU A 202 -0.02 -2.11 13.12
C LEU A 202 -0.39 -3.55 13.39
N ILE A 203 -0.99 -3.78 14.55
CA ILE A 203 -1.55 -5.09 14.89
C ILE A 203 -3.01 -5.10 14.48
N VAL A 204 -3.35 -5.98 13.54
CA VAL A 204 -4.71 -6.09 13.01
C VAL A 204 -5.28 -7.43 13.46
N GLU A 205 -6.37 -7.38 14.21
CA GLU A 205 -7.01 -8.60 14.67
C GLU A 205 -7.35 -9.56 13.57
N GLY A 206 -6.94 -10.79 13.78
CA GLY A 206 -7.22 -11.81 12.79
C GLY A 206 -6.25 -11.88 11.64
N GLU A 207 -5.34 -10.93 11.51
CA GLU A 207 -4.34 -10.94 10.45
C GLU A 207 -2.94 -11.26 10.96
N ASN A 208 -2.52 -10.66 12.09
CA ASN A 208 -1.16 -10.84 12.58
C ASN A 208 -1.06 -10.65 14.10
N ASP A 209 -2.12 -10.97 14.84
CA ASP A 209 -2.18 -10.65 16.26
C ASP A 209 -1.83 -11.82 17.19
N SER A 210 -1.60 -13.00 16.65
CA SER A 210 -1.31 -14.15 17.51
C SER A 210 -0.45 -15.15 16.74
N GLU A 211 -0.36 -16.38 17.25
CA GLU A 211 0.30 -17.47 16.56
C GLU A 211 -0.69 -18.37 15.83
N LYS A 212 -1.97 -18.08 15.94
CA LYS A 212 -2.96 -18.82 15.19
C LYS A 212 -3.12 -18.21 13.78
N THR A 213 -2.65 -16.98 13.57
CA THR A 213 -2.69 -16.33 12.28
C THR A 213 -1.43 -16.66 11.48
N LEU A 214 -1.46 -16.32 10.19
CA LEU A 214 -0.37 -16.65 9.29
C LEU A 214 0.91 -15.87 9.59
N ARG A 215 0.83 -14.82 10.41
CA ARG A 215 2.00 -14.07 10.85
C ARG A 215 1.82 -13.65 12.30
N ASP A 216 2.94 -13.50 13.00
CA ASP A 216 2.96 -13.04 14.39
C ASP A 216 3.81 -11.77 14.44
N ALA A 217 3.15 -10.63 14.33
CA ALA A 217 3.82 -9.32 14.32
C ALA A 217 4.13 -8.80 15.71
N ARG A 218 3.84 -9.57 16.75
CA ARG A 218 3.97 -9.06 18.12
C ARG A 218 5.41 -8.72 18.46
N ARG A 219 6.39 -9.44 17.94
CA ARG A 219 7.79 -9.10 18.16
CA ARG A 219 7.78 -9.14 18.15
C ARG A 219 8.31 -7.76 17.52
N PHE A 220 7.53 -7.28 16.57
CA PHE A 220 7.93 -6.05 15.89
C PHE A 220 7.33 -4.79 16.51
N THR A 221 6.41 -4.91 17.46
CA THR A 221 5.64 -3.77 17.93
C THR A 221 6.52 -2.79 18.70
N ILE A 222 6.17 -1.50 18.58
CA ILE A 222 6.87 -0.44 19.28
C ILE A 222 5.85 0.44 19.99
N SER A 223 6.35 1.25 20.92
CA SER A 223 5.53 2.18 21.68
C SER A 223 5.41 3.51 20.94
N ASP A 224 4.52 4.36 21.41
CA ASP A 224 4.40 5.69 20.85
C ASP A 224 5.69 6.49 21.00
N LYS A 225 6.46 6.20 22.04
CA LYS A 225 7.74 6.89 22.23
C LYS A 225 8.80 6.38 21.27
N GLN A 226 8.87 5.06 21.07
CA GLN A 226 9.85 4.50 20.13
C GLN A 226 9.56 4.96 18.70
N PHE A 227 8.27 5.01 18.33
CA PHE A 227 7.90 5.56 17.03
C PHE A 227 8.35 7.00 16.89
N GLU A 228 8.16 7.80 17.95
CA GLU A 228 8.53 9.21 17.89
C GLU A 228 10.04 9.38 17.77
N VAL A 229 10.81 8.41 18.27
CA VAL A 229 12.25 8.43 18.07
C VAL A 229 12.59 8.46 16.59
N PHE A 230 11.94 7.60 15.81
CA PHE A 230 12.17 7.59 14.36
C PHE A 230 11.58 8.83 13.71
N CYS A 231 10.40 9.27 14.15
CA CYS A 231 9.71 10.36 13.47
C CYS A 231 10.48 11.67 13.59
N SER A 232 10.91 12.02 14.82
CA SER A 232 11.64 13.27 15.02
C SER A 232 12.93 13.31 14.22
N LYS A 233 13.57 12.15 14.02
CA LYS A 233 14.82 12.11 13.26
C LYS A 233 14.60 12.36 11.78
N HIS A 234 13.38 12.20 11.27
CA HIS A 234 13.14 12.26 9.83
C HIS A 234 12.01 13.17 9.39
N ARG A 235 11.22 13.74 10.30
CA ARG A 235 10.06 14.53 9.87
C ARG A 235 10.38 15.78 9.06
N HIS A 236 11.62 16.21 9.09
CA HIS A 236 11.95 17.44 8.38
C HIS A 236 11.78 17.31 6.87
N HIS A 237 11.72 16.08 6.34
CA HIS A 237 11.58 15.89 4.91
C HIS A 237 10.17 16.26 4.46
N LYS A 238 10.06 16.86 3.31
CA LYS A 238 8.76 17.26 2.79
C LYS A 238 7.91 16.05 2.45
N SER A 239 8.55 15.01 1.95
CA SER A 239 7.83 13.79 1.63
C SER A 239 7.28 13.09 2.87
N PHE A 240 7.83 13.38 4.04
CA PHE A 240 7.55 12.60 5.24
C PHE A 240 6.07 12.65 5.61
N VAL A 241 5.47 11.47 5.77
CA VAL A 241 4.09 11.31 6.20
C VAL A 241 4.08 10.31 7.35
N ALA A 242 3.91 10.79 8.57
CA ALA A 242 3.89 9.93 9.74
C ALA A 242 2.52 9.31 9.91
N GLU A 243 2.48 8.00 10.11
CA GLU A 243 1.23 7.25 10.21
C GLU A 243 1.28 6.36 11.44
N PRO A 244 1.08 6.93 12.63
CA PRO A 244 0.98 6.09 13.83
C PRO A 244 -0.25 5.20 13.77
N ASN A 245 -0.38 4.33 14.77
CA ASN A 245 -1.48 3.37 14.82
C ASN A 245 -2.84 4.06 14.75
N ARG A 246 -3.04 5.09 15.59
CA ARG A 246 -4.31 5.79 15.64
C ARG A 246 -4.69 6.42 14.30
N LEU A 247 -3.71 6.69 13.43
CA LEU A 247 -3.97 7.25 12.12
C LEU A 247 -4.08 6.19 11.02
N MET A 248 -3.80 4.92 11.35
CA MET A 248 -3.87 3.84 10.38
C MET A 248 -5.03 2.89 10.57
N ALA A 249 -5.64 2.87 11.76
CA ALA A 249 -6.62 1.84 12.09
C ALA A 249 -7.86 1.92 11.21
N SER A 250 -8.39 3.13 10.98
CA SER A 250 -9.63 3.25 10.23
C SER A 250 -9.61 4.37 9.19
N SER A 251 -8.44 4.83 8.78
CA SER A 251 -8.32 5.93 7.83
C SER A 251 -8.32 5.47 6.38
N TYR A 252 -8.51 4.18 6.13
CA TYR A 252 -8.36 3.61 4.79
C TYR A 252 -9.65 2.98 4.31
N LEU A 253 -9.80 2.93 3.00
CA LEU A 253 -10.91 2.24 2.35
C LEU A 253 -10.35 0.95 1.75
N LEU A 254 -10.62 -0.16 2.40
CA LEU A 254 -9.99 -1.44 2.08
C LEU A 254 -10.94 -2.30 1.27
N VAL A 255 -10.52 -2.69 0.07
CA VAL A 255 -11.35 -3.50 -0.83
C VAL A 255 -10.71 -4.87 -0.97
N ASP A 256 -11.50 -5.90 -0.67
CA ASP A 256 -11.09 -7.29 -0.55
C ASP A 256 -10.80 -7.91 -1.93
N GLU A 257 -10.26 -9.13 -1.91
CA GLU A 257 -10.02 -9.85 -3.16
C GLU A 257 -11.32 -10.25 -3.84
N TYR A 258 -12.42 -10.30 -3.10
CA TYR A 258 -13.77 -10.42 -3.67
C TYR A 258 -14.42 -9.07 -3.88
N MET A 259 -13.67 -8.00 -3.71
CA MET A 259 -14.18 -6.64 -3.80
C MET A 259 -15.16 -6.34 -2.67
N ARG A 260 -15.01 -6.98 -1.54
CA ARG A 260 -15.72 -6.63 -0.33
C ARG A 260 -14.94 -5.57 0.45
N PHE A 261 -15.63 -4.86 1.33
CA PHE A 261 -14.99 -3.84 2.14
C PHE A 261 -14.57 -4.45 3.47
N ILE A 262 -13.31 -4.21 3.85
CA ILE A 262 -12.76 -4.73 5.10
C ILE A 262 -12.71 -3.61 6.14
N ASP A 263 -13.24 -3.89 7.33
CA ASP A 263 -13.06 -3.03 8.49
C ASP A 263 -12.07 -3.74 9.40
N LYS A 264 -10.79 -3.50 9.16
CA LYS A 264 -9.74 -4.17 9.92
C LYS A 264 -9.66 -3.69 11.36
N ASP A 265 -10.15 -2.49 11.65
CA ASP A 265 -10.15 -2.01 13.03
C ASP A 265 -11.21 -2.73 13.86
N GLY A 266 -12.37 -3.00 13.27
CA GLY A 266 -13.45 -3.69 13.93
C GLY A 266 -13.62 -5.15 13.55
N ASN A 267 -12.74 -5.70 12.72
CA ASN A 267 -12.77 -7.11 12.31
C ASN A 267 -14.13 -7.49 11.73
N LYS A 268 -14.54 -6.74 10.71
CA LYS A 268 -15.82 -6.95 10.05
C LYS A 268 -15.60 -6.98 8.54
N LEU A 269 -16.58 -7.55 7.85
CA LEU A 269 -16.49 -7.79 6.42
C LEU A 269 -17.86 -7.61 5.78
N THR A 270 -17.91 -6.91 4.66
CA THR A 270 -19.15 -6.66 3.94
C THR A 270 -19.35 -7.67 2.83
N LYS A 271 -20.52 -7.61 2.20
CA LYS A 271 -20.72 -8.29 0.94
C LYS A 271 -19.99 -7.56 -0.18
N SER A 272 -19.73 -8.27 -1.27
CA SER A 272 -19.05 -7.65 -2.40
C SER A 272 -19.89 -6.54 -2.99
N ILE A 273 -19.24 -5.45 -3.39
CA ILE A 273 -19.94 -4.35 -4.04
C ILE A 273 -20.58 -4.80 -5.34
N LEU A 274 -20.09 -5.90 -5.93
CA LEU A 274 -20.65 -6.38 -7.19
C LEU A 274 -22.09 -6.85 -7.02
N ASP A 275 -22.47 -7.27 -5.81
CA ASP A 275 -23.83 -7.70 -5.52
C ASP A 275 -24.67 -6.63 -4.86
N VAL A 276 -24.18 -6.05 -3.75
CA VAL A 276 -24.98 -5.10 -2.98
C VAL A 276 -24.71 -3.65 -3.33
N GLY A 277 -23.70 -3.36 -4.16
CA GLY A 277 -23.40 -2.00 -4.54
C GLY A 277 -22.45 -1.30 -3.59
N VAL A 278 -21.93 -0.17 -4.06
CA VAL A 278 -20.92 0.56 -3.29
C VAL A 278 -21.54 1.16 -2.02
N GLU A 279 -22.59 1.97 -2.19
CA GLU A 279 -23.09 2.76 -1.07
C GLU A 279 -23.67 1.88 0.03
N ALA A 280 -24.24 0.72 -0.31
CA ALA A 280 -24.79 -0.15 0.72
C ALA A 280 -23.69 -0.89 1.47
N ALA A 281 -22.59 -1.23 0.77
CA ALA A 281 -21.48 -1.88 1.43
C ALA A 281 -20.72 -0.91 2.33
N MET A 282 -20.51 0.32 1.85
CA MET A 282 -19.80 1.34 2.63
C MET A 282 -20.46 1.58 3.99
N LYS A 283 -21.76 1.42 4.06
CA LYS A 283 -22.43 1.73 5.30
C LYS A 283 -22.10 0.77 6.41
N GLU A 284 -21.64 -0.43 6.08
CA GLU A 284 -21.23 -1.41 7.09
C GLU A 284 -19.83 -1.24 7.67
N ILE A 285 -19.01 -0.43 7.03
CA ILE A 285 -17.64 -0.25 7.50
C ILE A 285 -17.53 1.07 8.25
N LYS A 286 -16.48 1.18 9.07
CA LYS A 286 -16.09 2.43 9.70
C LYS A 286 -14.90 3.00 8.94
N TRP A 287 -15.02 4.25 8.51
CA TRP A 287 -13.94 4.94 7.81
C TRP A 287 -13.79 6.33 8.43
N ASP A 288 -12.70 6.52 9.18
CA ASP A 288 -12.46 7.78 9.89
C ASP A 288 -11.98 8.80 8.87
N VAL A 289 -12.92 9.60 8.37
CA VAL A 289 -12.58 10.66 7.43
C VAL A 289 -11.69 11.70 8.11
N ASP A 290 -11.88 11.88 9.42
CA ASP A 290 -11.06 12.84 10.15
C ASP A 290 -9.59 12.42 10.15
N ALA A 291 -9.32 11.14 10.47
CA ALA A 291 -7.96 10.66 10.38
C ALA A 291 -7.48 10.57 8.93
N PHE A 292 -8.40 10.39 8.00
CA PHE A 292 -8.04 10.34 6.59
C PHE A 292 -7.42 11.66 6.13
N GLN A 293 -8.00 12.78 6.57
CA GLN A 293 -7.43 14.07 6.21
C GLN A 293 -6.26 14.44 7.10
N GLU A 294 -6.25 13.99 8.36
CA GLU A 294 -5.10 14.25 9.22
C GLU A 294 -3.83 13.64 8.64
N ARG A 295 -3.92 12.42 8.11
CA ARG A 295 -2.78 11.77 7.46
C ARG A 295 -2.53 12.30 6.06
N GLY A 296 -3.16 13.40 5.68
CA GLY A 296 -2.96 13.94 4.34
C GLY A 296 -3.41 13.01 3.25
N GLY A 297 -4.53 12.29 3.47
CA GLY A 297 -5.01 11.35 2.48
C GLY A 297 -5.38 11.99 1.16
N VAL A 298 -5.77 13.24 1.18
CA VAL A 298 -6.06 13.96 -0.03
C VAL A 298 -4.88 14.85 -0.33
N TYR A 299 -4.35 14.78 -1.55
CA TYR A 299 -3.15 15.51 -1.91
C TYR A 299 -3.07 15.60 -3.43
N GLU A 300 -1.98 16.20 -3.91
CA GLU A 300 -1.75 16.39 -5.34
C GLU A 300 -1.28 15.05 -5.89
N TRP A 301 -2.24 14.20 -6.26
CA TRP A 301 -1.92 12.84 -6.65
C TRP A 301 -1.86 12.52 -8.14
N THR A 302 -1.80 13.55 -8.96
CA THR A 302 -1.82 13.36 -10.41
C THR A 302 -0.59 13.88 -11.15
N LYS A 303 -0.52 13.67 -12.47
CA LYS A 303 0.58 14.09 -13.35
C LYS A 303 1.50 12.96 -13.71
N GLU A 304 1.44 12.54 -14.98
CA GLU A 304 2.34 11.52 -15.52
C GLU A 304 2.24 10.11 -15.00
N1 CTP B . -3.63 -0.68 5.07
C2 CTP B . -4.25 -1.85 5.53
N3 CTP B . -4.88 -1.85 6.71
C4 CTP B . -4.91 -0.75 7.47
C5 CTP B . -4.30 0.41 7.02
C6 CTP B . -3.65 0.42 5.80
O2 CTP B . -4.23 -2.87 4.84
N4 CTP B . -5.54 -0.76 8.66
C1' CTP B . -2.95 -0.73 3.79
C2' CTP B . -3.62 0.15 2.74
O2' CTP B . -4.70 -0.55 2.16
C3' CTP B . -2.48 0.42 1.78
C4' CTP B . -1.21 0.06 2.53
O4' CTP B . -1.62 -0.23 3.86
O3' CTP B . -2.56 -0.43 0.65
C5' CTP B . -0.14 1.15 2.44
O5' CTP B . -0.69 2.47 2.45
PA CTP B . -0.37 3.56 1.33
O1A CTP B . 0.59 3.03 0.32
O2A CTP B . 0.00 4.81 2.05
O3A CTP B . -1.83 3.70 0.68
PB CTP B . -2.34 4.83 -0.34
O1B CTP B . -1.60 4.69 -1.64
O2B CTP B . -3.82 4.72 -0.38
O3B CTP B . -1.94 6.20 0.38
PG CTP B . -1.84 7.62 -0.37
O1G CTP B . -0.50 7.60 -1.01
O2G CTP B . -1.95 8.59 0.76
O3G CTP B . -2.99 7.69 -1.31
FE1 SF4 C . 5.82 -8.15 2.82
FE2 SF4 C . 3.84 -6.69 1.01
FE3 SF4 C . 2.81 -8.54 3.26
FE4 SF4 C . 4.18 -9.66 0.76
S1 SF4 C . 2.52 -8.38 1.13
S2 SF4 C . 4.49 -9.81 2.87
S3 SF4 C . 5.52 -8.00 0.71
S4 SF4 C . 4.14 -6.87 3.12
N SAM D . 3.57 -6.10 -1.53
CA SAM D . 3.34 -4.68 -1.56
C SAM D . 4.37 -3.91 -0.78
O SAM D . 4.59 -2.76 -1.06
OXT SAM D . 4.96 -4.39 0.10
CB SAM D . 1.90 -4.41 -1.11
CG SAM D . 1.46 -5.19 0.11
SD SAM D . 1.81 -4.46 1.55
CE SAM D . 0.90 -5.22 2.70
C5' SAM D . 1.41 -2.84 1.50
C4' SAM D . 2.12 -1.95 2.51
O4' SAM D . 1.72 -2.21 3.86
C3' SAM D . 3.63 -2.11 2.47
O3' SAM D . 4.23 -0.84 2.40
C2' SAM D . 3.97 -2.82 3.75
O2' SAM D . 5.28 -2.48 4.19
C1' SAM D . 2.89 -2.30 4.68
N9 SAM D . 2.61 -3.17 5.85
C8 SAM D . 2.50 -4.50 5.86
N7 SAM D . 2.24 -4.94 7.10
C5 SAM D . 2.18 -3.88 7.91
C6 SAM D . 1.94 -3.64 9.35
N6 SAM D . 1.71 -4.67 10.18
N1 SAM D . 1.97 -2.38 9.79
C2 SAM D . 2.21 -1.36 8.95
N3 SAM D . 2.43 -1.49 7.64
C4 SAM D . 2.44 -2.71 7.07
CL CL E . 9.29 12.04 -7.76
#